data_6BSK
#
_entry.id   6BSK
#
_cell.length_a   97.035
_cell.length_b   97.035
_cell.length_c   81.130
_cell.angle_alpha   90.00
_cell.angle_beta   90.00
_cell.angle_gamma   120.00
#
_symmetry.space_group_name_H-M   'P 65'
#
loop_
_entity.id
_entity.type
_entity.pdbx_description
1 polymer 'Serine/threonine-protein kinase pim-1'
2 non-polymer 1,2-ETHANEDIOL
3 non-polymer '4-{6-[6-(propan-2-ylamino)-1H-indazol-1-yl]pyrazin-2-yl}benzoic acid'
4 non-polymer 'SULFATE ION'
5 water water
#
_entity_poly.entity_id   1
_entity_poly.type   'polypeptide(L)'
_entity_poly.pdbx_seq_one_letter_code
;EKEPLESQYQVGPLLGSGGFGSVYSGIRVSDNLPVAIKHVEKDRISDWGELPNGTRVPMEVVLLKKVSSGFSGVIRLLDW
FERPDSFVLILERPEPVQDLFDFITERGALQEELARSFFWQVLEAVRHCHNCGVLHRDIKDENILIDLNRGELKLIDFGS
GALLKDTVYTDFDGTRVYSPPEWIRYHRYHGRSAAVWSLGILLYDMVCGDIPFEHDEEIIRGQVFFRQRVSSECQHLIRW
CLALRPSDRPTFEEIQNHPWMQDVLLPQETAEIHLH
;
_entity_poly.pdbx_strand_id   A
#
loop_
_chem_comp.id
_chem_comp.type
_chem_comp.name
_chem_comp.formula
EDO non-polymer 1,2-ETHANEDIOL 'C2 H6 O2'
MVG non-polymer '4-{6-[6-(propan-2-ylamino)-1H-indazol-1-yl]pyrazin-2-yl}benzoic acid' 'C21 H19 N5 O2'
SO4 non-polymer 'SULFATE ION' 'O4 S -2'
#
# COMPACT_ATOMS: atom_id res chain seq x y z
N PRO A 4 11.84 -14.77 -24.43
CA PRO A 4 13.03 -14.34 -23.67
C PRO A 4 12.85 -12.99 -23.00
N LEU A 5 12.99 -13.02 -21.66
CA LEU A 5 12.87 -11.86 -20.77
C LEU A 5 13.90 -10.77 -21.11
N GLU A 6 15.18 -11.17 -21.23
CA GLU A 6 16.33 -10.29 -21.55
C GLU A 6 16.14 -9.59 -22.90
N SER A 7 15.48 -10.27 -23.84
CA SER A 7 15.18 -9.79 -25.19
C SER A 7 14.11 -8.68 -25.15
N GLN A 8 12.99 -8.94 -24.44
CA GLN A 8 11.82 -8.06 -24.32
C GLN A 8 12.02 -6.77 -23.52
N TYR A 9 12.95 -6.75 -22.55
CA TYR A 9 13.15 -5.58 -21.69
C TYR A 9 14.57 -5.05 -21.65
N GLN A 10 14.68 -3.72 -21.69
CA GLN A 10 15.93 -2.97 -21.56
C GLN A 10 16.01 -2.54 -20.08
N VAL A 11 17.02 -3.03 -19.35
CA VAL A 11 17.19 -2.77 -17.91
C VAL A 11 17.89 -1.44 -17.63
N GLY A 12 17.36 -0.71 -16.66
CA GLY A 12 17.89 0.57 -16.23
C GLY A 12 18.37 0.53 -14.79
N PRO A 13 18.33 1.69 -14.09
CA PRO A 13 18.84 1.72 -12.70
C PRO A 13 17.99 0.94 -11.71
N LEU A 14 18.64 0.54 -10.61
CA LEU A 14 17.99 -0.08 -9.48
C LEU A 14 17.17 1.03 -8.79
N LEU A 15 15.90 0.79 -8.55
CA LEU A 15 14.99 1.75 -7.90
C LEU A 15 14.88 1.56 -6.37
N GLY A 16 15.27 0.38 -5.93
CA GLY A 16 15.24 -0.01 -4.52
C GLY A 16 15.39 -1.50 -4.32
N SER A 17 15.74 -1.86 -3.08
CA SER A 17 15.89 -3.25 -2.64
C SER A 17 15.58 -3.36 -1.13
N GLY A 18 15.25 -4.57 -0.70
CA GLY A 18 14.94 -4.86 0.70
C GLY A 18 14.27 -6.21 0.85
N GLY A 19 13.39 -6.30 1.85
CA GLY A 19 12.62 -7.50 2.15
C GLY A 19 11.78 -8.02 0.99
N PHE A 20 11.39 -7.11 0.07
CA PHE A 20 10.59 -7.40 -1.13
C PHE A 20 11.41 -7.97 -2.32
N GLY A 21 12.74 -7.81 -2.29
CA GLY A 21 13.65 -8.21 -3.36
C GLY A 21 14.40 -7.01 -3.92
N SER A 22 14.63 -6.97 -5.26
CA SER A 22 15.34 -5.87 -5.96
C SER A 22 14.51 -5.42 -7.14
N VAL A 23 14.27 -4.10 -7.24
CA VAL A 23 13.41 -3.50 -8.27
C VAL A 23 14.21 -2.56 -9.17
N TYR A 24 14.19 -2.82 -10.49
CA TYR A 24 14.89 -2.02 -11.49
C TYR A 24 13.93 -1.28 -12.36
N SER A 25 14.36 -0.12 -12.84
CA SER A 25 13.62 0.66 -13.82
C SER A 25 13.89 -0.05 -15.15
N GLY A 26 12.89 -0.07 -16.02
CA GLY A 26 13.01 -0.73 -17.30
C GLY A 26 12.15 -0.13 -18.37
N ILE A 27 12.34 -0.61 -19.59
CA ILE A 27 11.60 -0.20 -20.78
C ILE A 27 11.28 -1.46 -21.56
N ARG A 28 10.01 -1.62 -21.98
CA ARG A 28 9.59 -2.73 -22.84
C ARG A 28 10.12 -2.38 -24.24
N VAL A 29 10.97 -3.23 -24.82
CA VAL A 29 11.63 -2.91 -26.08
C VAL A 29 10.65 -2.70 -27.26
N SER A 30 9.50 -3.42 -27.26
CA SER A 30 8.49 -3.36 -28.32
C SER A 30 7.84 -1.98 -28.49
N ASP A 31 7.26 -1.42 -27.42
CA ASP A 31 6.55 -0.15 -27.48
C ASP A 31 7.15 1.00 -26.63
N ASN A 32 8.35 0.81 -26.05
CA ASN A 32 9.05 1.78 -25.19
C ASN A 32 8.29 2.12 -23.88
N LEU A 33 7.33 1.26 -23.48
CA LEU A 33 6.52 1.44 -22.27
C LEU A 33 7.39 1.38 -21.02
N PRO A 34 7.32 2.39 -20.12
CA PRO A 34 8.13 2.34 -18.89
C PRO A 34 7.61 1.21 -18.01
N VAL A 35 8.52 0.43 -17.42
CA VAL A 35 8.19 -0.72 -16.55
C VAL A 35 9.12 -0.76 -15.32
N ALA A 36 8.73 -1.57 -14.33
CA ALA A 36 9.52 -1.83 -13.13
C ALA A 36 9.74 -3.33 -13.17
N ILE A 37 10.99 -3.75 -13.06
CA ILE A 37 11.38 -5.15 -13.10
C ILE A 37 11.77 -5.60 -11.68
N LYS A 38 10.91 -6.42 -11.04
CA LYS A 38 11.08 -6.89 -9.66
C LYS A 38 11.56 -8.34 -9.60
N HIS A 39 12.71 -8.57 -8.95
CA HIS A 39 13.34 -9.87 -8.79
C HIS A 39 13.11 -10.34 -7.38
N VAL A 40 12.53 -11.53 -7.23
CA VAL A 40 12.23 -12.12 -5.93
C VAL A 40 12.92 -13.47 -5.83
N GLU A 41 13.79 -13.66 -4.81
CA GLU A 41 14.53 -14.91 -4.60
C GLU A 41 13.57 -16.00 -4.16
N LYS A 42 13.64 -17.20 -4.81
CA LYS A 42 12.81 -18.36 -4.47
C LYS A 42 12.96 -18.82 -3.01
N ASP A 43 14.19 -18.83 -2.47
CA ASP A 43 14.50 -19.23 -1.08
C ASP A 43 13.90 -18.28 -0.03
N ARG A 44 13.37 -17.13 -0.47
CA ARG A 44 12.80 -16.10 0.39
C ARG A 44 11.28 -16.06 0.30
N ILE A 45 10.70 -16.89 -0.59
CA ILE A 45 9.26 -16.99 -0.80
C ILE A 45 8.73 -18.10 0.13
N SER A 46 7.94 -17.70 1.15
CA SER A 46 7.34 -18.61 2.12
C SER A 46 5.89 -18.96 1.74
N ASP A 47 5.16 -18.01 1.12
CA ASP A 47 3.78 -18.22 0.69
C ASP A 47 3.70 -18.46 -0.81
N TRP A 48 3.17 -19.62 -1.19
CA TRP A 48 2.99 -20.04 -2.58
C TRP A 48 1.52 -20.28 -2.88
N GLY A 49 1.14 -20.08 -4.14
CA GLY A 49 -0.24 -20.28 -4.57
C GLY A 49 -0.36 -20.89 -5.94
N GLU A 50 -1.60 -20.90 -6.47
CA GLU A 50 -1.82 -21.42 -7.81
C GLU A 50 -2.84 -20.59 -8.58
N LEU A 51 -2.51 -20.40 -9.85
CA LEU A 51 -3.27 -19.63 -10.82
C LEU A 51 -4.52 -20.41 -11.30
N PRO A 52 -5.54 -19.75 -11.95
CA PRO A 52 -6.71 -20.52 -12.43
C PRO A 52 -6.41 -21.71 -13.36
N ASN A 53 -5.15 -21.82 -13.85
CA ASN A 53 -4.68 -22.92 -14.70
C ASN A 53 -4.03 -24.05 -13.90
N GLY A 54 -3.46 -23.72 -12.73
CA GLY A 54 -2.84 -24.70 -11.84
C GLY A 54 -1.33 -24.63 -11.62
N THR A 55 -0.64 -23.60 -12.17
CA THR A 55 0.82 -23.45 -12.04
C THR A 55 1.20 -22.96 -10.63
N ARG A 56 2.30 -23.52 -10.07
CA ARG A 56 2.81 -23.16 -8.74
C ARG A 56 3.66 -21.91 -8.85
N VAL A 57 3.09 -20.76 -8.42
CA VAL A 57 3.73 -19.43 -8.48
C VAL A 57 3.75 -18.80 -7.07
N PRO A 58 4.56 -17.75 -6.79
CA PRO A 58 4.49 -17.11 -5.47
C PRO A 58 3.11 -16.47 -5.26
N MET A 59 2.67 -16.39 -4.00
CA MET A 59 1.40 -15.76 -3.60
C MET A 59 1.32 -14.33 -4.20
N GLU A 60 2.43 -13.60 -4.20
CA GLU A 60 2.51 -12.25 -4.76
C GLU A 60 1.92 -12.20 -6.19
N VAL A 61 2.26 -13.18 -7.07
CA VAL A 61 1.77 -13.25 -8.45
C VAL A 61 0.25 -13.54 -8.46
N VAL A 62 -0.21 -14.48 -7.62
CA VAL A 62 -1.62 -14.84 -7.48
C VAL A 62 -2.44 -13.57 -7.15
N LEU A 63 -2.00 -12.85 -6.11
CA LEU A 63 -2.63 -11.62 -5.63
C LEU A 63 -2.62 -10.50 -6.65
N LEU A 64 -1.48 -10.27 -7.35
CA LEU A 64 -1.39 -9.25 -8.39
C LEU A 64 -2.35 -9.55 -9.55
N LYS A 65 -2.49 -10.83 -9.93
CA LYS A 65 -3.41 -11.22 -11.02
C LYS A 65 -4.86 -11.01 -10.60
N LYS A 66 -5.19 -11.29 -9.32
CA LYS A 66 -6.54 -11.09 -8.79
C LYS A 66 -6.94 -9.62 -8.79
N VAL A 67 -5.98 -8.69 -8.56
CA VAL A 67 -6.24 -7.25 -8.50
C VAL A 67 -6.05 -6.56 -9.85
N SER A 68 -5.53 -7.28 -10.86
CA SER A 68 -5.32 -6.75 -12.21
C SER A 68 -6.64 -6.31 -12.87
N SER A 69 -6.66 -5.06 -13.33
CA SER A 69 -7.81 -4.41 -13.98
C SER A 69 -7.40 -3.02 -14.51
N GLY A 70 -8.34 -2.37 -15.17
CA GLY A 70 -8.17 -1.01 -15.67
C GLY A 70 -8.12 0.03 -14.56
N PHE A 71 -8.61 -0.32 -13.33
CA PHE A 71 -8.57 0.55 -12.17
C PHE A 71 -7.10 0.87 -11.80
N SER A 72 -6.73 2.13 -11.96
CA SER A 72 -5.38 2.63 -11.79
C SER A 72 -4.90 2.81 -10.34
N GLY A 73 -5.74 2.52 -9.33
CA GLY A 73 -5.39 2.69 -7.92
C GLY A 73 -4.47 1.61 -7.36
N VAL A 74 -4.35 0.51 -8.09
CA VAL A 74 -3.47 -0.59 -7.68
C VAL A 74 -2.51 -0.85 -8.83
N ILE A 75 -1.24 -1.12 -8.55
CA ILE A 75 -0.23 -1.42 -9.55
C ILE A 75 -0.64 -2.62 -10.42
N ARG A 76 -0.37 -2.54 -11.72
CA ARG A 76 -0.69 -3.60 -12.66
C ARG A 76 0.53 -4.50 -12.94
N LEU A 77 0.34 -5.83 -12.83
CA LEU A 77 1.33 -6.82 -13.17
C LEU A 77 1.15 -7.04 -14.67
N LEU A 78 2.19 -6.71 -15.45
CA LEU A 78 2.17 -6.79 -16.90
C LEU A 78 2.56 -8.18 -17.44
N ASP A 79 3.51 -8.82 -16.75
CA ASP A 79 4.02 -10.17 -17.04
C ASP A 79 4.89 -10.64 -15.89
N TRP A 80 5.24 -11.92 -15.90
CA TRP A 80 6.10 -12.54 -14.91
C TRP A 80 6.85 -13.67 -15.58
N PHE A 81 8.00 -14.06 -15.00
CA PHE A 81 8.87 -15.13 -15.52
C PHE A 81 9.49 -15.89 -14.39
N GLU A 82 9.70 -17.20 -14.59
CA GLU A 82 10.39 -18.03 -13.63
C GLU A 82 11.83 -18.26 -14.13
N ARG A 83 12.79 -18.15 -13.21
CA ARG A 83 14.21 -18.37 -13.43
C ARG A 83 14.64 -19.51 -12.48
N PRO A 84 15.81 -20.15 -12.65
CA PRO A 84 16.15 -21.25 -11.72
C PRO A 84 16.05 -20.93 -10.23
N ASP A 85 16.52 -19.75 -9.79
CA ASP A 85 16.53 -19.41 -8.37
C ASP A 85 15.67 -18.20 -7.99
N SER A 86 14.90 -17.66 -8.96
CA SER A 86 14.07 -16.49 -8.71
C SER A 86 12.87 -16.37 -9.64
N PHE A 87 11.96 -15.42 -9.30
CA PHE A 87 10.84 -15.00 -10.12
C PHE A 87 11.10 -13.55 -10.50
N VAL A 88 10.71 -13.18 -11.72
CA VAL A 88 10.86 -11.82 -12.24
C VAL A 88 9.48 -11.32 -12.59
N LEU A 89 9.07 -10.20 -11.99
CA LEU A 89 7.77 -9.56 -12.18
C LEU A 89 7.94 -8.27 -12.98
N ILE A 90 7.19 -8.12 -14.06
CA ILE A 90 7.17 -6.90 -14.86
C ILE A 90 5.95 -6.11 -14.42
N LEU A 91 6.17 -4.96 -13.82
CA LEU A 91 5.12 -4.12 -13.28
C LEU A 91 5.07 -2.78 -13.97
N GLU A 92 3.91 -2.13 -13.94
CA GLU A 92 3.79 -0.80 -14.53
C GLU A 92 4.66 0.19 -13.79
N ARG A 93 5.06 1.25 -14.50
CA ARG A 93 5.88 2.31 -13.92
C ARG A 93 5.38 3.67 -14.35
N PRO A 94 4.69 4.44 -13.45
CA PRO A 94 4.29 5.82 -13.80
C PRO A 94 5.56 6.66 -13.96
N GLU A 95 5.46 7.70 -14.80
CA GLU A 95 6.60 8.56 -15.09
C GLU A 95 6.12 9.98 -15.43
N PRO A 96 6.46 11.04 -14.65
CA PRO A 96 7.27 11.04 -13.41
C PRO A 96 6.50 10.42 -12.24
N VAL A 97 7.25 9.89 -11.26
CA VAL A 97 6.74 9.25 -10.07
C VAL A 97 7.57 9.63 -8.83
N GLN A 98 6.95 9.47 -7.65
CA GLN A 98 7.57 9.62 -6.34
C GLN A 98 6.77 8.81 -5.36
N ASP A 99 7.43 7.97 -4.51
CA ASP A 99 6.66 7.25 -3.48
C ASP A 99 6.26 8.22 -2.36
N LEU A 100 5.17 7.92 -1.66
CA LEU A 100 4.64 8.78 -0.63
C LEU A 100 5.62 9.04 0.53
N PHE A 101 6.49 8.06 0.86
CA PHE A 101 7.50 8.21 1.92
C PHE A 101 8.46 9.35 1.58
N ASP A 102 9.02 9.35 0.35
CA ASP A 102 9.93 10.39 -0.15
C ASP A 102 9.24 11.73 -0.25
N PHE A 103 7.98 11.73 -0.72
CA PHE A 103 7.15 12.94 -0.85
C PHE A 103 6.99 13.63 0.53
N ILE A 104 6.60 12.87 1.55
CA ILE A 104 6.41 13.37 2.92
C ILE A 104 7.76 13.78 3.53
N THR A 105 8.82 12.97 3.29
CA THR A 105 10.17 13.32 3.77
C THR A 105 10.59 14.68 3.24
N GLU A 106 10.39 14.93 1.94
CA GLU A 106 10.73 16.18 1.25
C GLU A 106 9.87 17.36 1.62
N ARG A 107 8.54 17.17 1.65
CA ARG A 107 7.60 18.26 1.84
C ARG A 107 7.09 18.46 3.26
N GLY A 108 7.35 17.51 4.16
CA GLY A 108 6.87 17.56 5.54
C GLY A 108 5.40 17.19 5.62
N ALA A 109 4.75 17.52 6.74
CA ALA A 109 3.32 17.26 6.95
C ALA A 109 2.49 17.87 5.81
N LEU A 110 1.53 17.10 5.30
CA LEU A 110 0.69 17.53 4.18
C LEU A 110 -0.50 18.41 4.59
N GLN A 111 -0.85 19.36 3.71
CA GLN A 111 -2.06 20.16 3.87
C GLN A 111 -3.23 19.16 3.90
N GLU A 112 -4.23 19.41 4.74
CA GLU A 112 -5.36 18.50 4.90
C GLU A 112 -6.11 18.21 3.59
N GLU A 113 -6.24 19.20 2.68
CA GLU A 113 -6.89 18.99 1.39
C GLU A 113 -6.15 17.94 0.56
N LEU A 114 -4.80 17.98 0.62
CA LEU A 114 -3.94 17.02 -0.08
C LEU A 114 -4.04 15.66 0.56
N ALA A 115 -3.93 15.60 1.91
CA ALA A 115 -4.05 14.36 2.67
C ALA A 115 -5.40 13.71 2.42
N ARG A 116 -6.49 14.51 2.31
CA ARG A 116 -7.85 14.02 2.06
C ARG A 116 -7.90 13.32 0.70
N SER A 117 -7.42 13.97 -0.37
CA SER A 117 -7.37 13.40 -1.71
C SER A 117 -6.57 12.11 -1.74
N PHE A 118 -5.36 12.12 -1.16
CA PHE A 118 -4.47 10.95 -1.09
C PHE A 118 -5.11 9.80 -0.28
N PHE A 119 -5.62 10.09 0.92
CA PHE A 119 -6.25 9.11 1.80
C PHE A 119 -7.48 8.47 1.14
N TRP A 120 -8.34 9.26 0.48
CA TRP A 120 -9.52 8.78 -0.25
C TRP A 120 -9.08 7.80 -1.34
N GLN A 121 -8.05 8.17 -2.14
CA GLN A 121 -7.52 7.29 -3.17
C GLN A 121 -6.98 5.99 -2.61
N VAL A 122 -6.32 6.03 -1.43
CA VAL A 122 -5.83 4.83 -0.77
C VAL A 122 -7.03 3.95 -0.37
N LEU A 123 -8.08 4.55 0.22
CA LEU A 123 -9.31 3.84 0.60
C LEU A 123 -9.97 3.11 -0.59
N GLU A 124 -10.07 3.78 -1.73
CA GLU A 124 -10.60 3.20 -2.96
C GLU A 124 -9.75 2.01 -3.44
N ALA A 125 -8.41 2.16 -3.37
CA ALA A 125 -7.43 1.11 -3.74
C ALA A 125 -7.57 -0.14 -2.82
N VAL A 126 -7.67 0.07 -1.49
CA VAL A 126 -7.84 -1.03 -0.53
C VAL A 126 -9.21 -1.70 -0.68
N ARG A 127 -10.28 -0.91 -0.91
CA ARG A 127 -11.61 -1.48 -1.17
C ARG A 127 -11.56 -2.35 -2.44
N HIS A 128 -10.83 -1.92 -3.49
CA HIS A 128 -10.65 -2.71 -4.71
C HIS A 128 -9.99 -4.05 -4.36
N CYS A 129 -8.89 -4.03 -3.59
CA CYS A 129 -8.19 -5.24 -3.19
C CYS A 129 -9.14 -6.22 -2.52
N HIS A 130 -9.89 -5.72 -1.50
CA HIS A 130 -10.85 -6.54 -0.73
C HIS A 130 -11.96 -7.12 -1.61
N ASN A 131 -12.47 -6.34 -2.58
CA ASN A 131 -13.49 -6.79 -3.55
C ASN A 131 -12.96 -7.94 -4.39
N CYS A 132 -11.65 -7.91 -4.67
CA CYS A 132 -10.95 -8.92 -5.47
C CYS A 132 -10.50 -10.13 -4.63
N GLY A 133 -10.84 -10.13 -3.34
CA GLY A 133 -10.46 -11.20 -2.40
C GLY A 133 -9.00 -11.18 -1.99
N VAL A 134 -8.36 -9.97 -1.96
CA VAL A 134 -6.95 -9.80 -1.61
C VAL A 134 -6.78 -8.89 -0.40
N LEU A 135 -5.96 -9.30 0.57
CA LEU A 135 -5.61 -8.49 1.74
C LEU A 135 -4.15 -8.01 1.53
N HIS A 136 -3.93 -6.70 1.47
CA HIS A 136 -2.58 -6.19 1.23
C HIS A 136 -1.57 -6.52 2.39
N ARG A 137 -1.93 -6.20 3.64
CA ARG A 137 -1.12 -6.47 4.86
C ARG A 137 0.13 -5.62 5.01
N ASP A 138 0.40 -4.67 4.11
CA ASP A 138 1.53 -3.78 4.29
C ASP A 138 1.24 -2.38 3.76
N ILE A 139 0.05 -1.84 4.10
CA ILE A 139 -0.35 -0.49 3.70
C ILE A 139 0.55 0.50 4.46
N LYS A 140 1.32 1.31 3.74
CA LYS A 140 2.23 2.31 4.33
C LYS A 140 2.69 3.26 3.26
N ASP A 141 3.25 4.42 3.65
CA ASP A 141 3.75 5.46 2.72
C ASP A 141 4.70 4.92 1.65
N GLU A 142 5.61 4.00 2.01
CA GLU A 142 6.59 3.39 1.10
C GLU A 142 5.96 2.54 0.03
N ASN A 143 4.76 1.96 0.29
CA ASN A 143 4.02 1.11 -0.64
C ASN A 143 2.94 1.84 -1.41
N ILE A 144 3.10 3.15 -1.56
CA ILE A 144 2.18 3.99 -2.31
C ILE A 144 3.02 4.89 -3.23
N LEU A 145 2.76 4.78 -4.55
CA LEU A 145 3.41 5.60 -5.55
C LEU A 145 2.50 6.74 -5.95
N ILE A 146 3.07 7.94 -6.18
CA ILE A 146 2.30 9.09 -6.69
C ILE A 146 2.60 9.29 -8.18
N ASP A 147 1.59 9.19 -9.04
CA ASP A 147 1.72 9.47 -10.47
C ASP A 147 1.52 10.99 -10.52
N LEU A 148 2.64 11.73 -10.47
CA LEU A 148 2.69 13.19 -10.35
C LEU A 148 1.91 13.98 -11.44
N ASN A 149 1.88 13.53 -12.70
CA ASN A 149 1.13 14.23 -13.77
C ASN A 149 -0.38 14.13 -13.58
N ARG A 150 -0.86 12.94 -13.18
CA ARG A 150 -2.29 12.66 -13.01
C ARG A 150 -2.85 12.86 -11.57
N GLY A 151 -1.97 12.99 -10.57
CA GLY A 151 -2.36 13.12 -9.16
C GLY A 151 -2.99 11.84 -8.61
N GLU A 152 -2.67 10.69 -9.25
CA GLU A 152 -3.21 9.36 -8.96
C GLU A 152 -2.23 8.55 -8.16
N LEU A 153 -2.71 7.96 -7.08
CA LEU A 153 -1.91 7.10 -6.21
C LEU A 153 -2.07 5.65 -6.62
N LYS A 154 -1.02 4.88 -6.42
CA LYS A 154 -0.97 3.48 -6.78
C LYS A 154 -0.46 2.65 -5.64
N LEU A 155 -1.26 1.70 -5.17
CA LEU A 155 -0.87 0.77 -4.10
C LEU A 155 0.05 -0.28 -4.70
N ILE A 156 1.22 -0.52 -4.08
CA ILE A 156 2.23 -1.47 -4.61
C ILE A 156 2.66 -2.51 -3.56
N ASP A 157 3.44 -3.51 -4.00
CA ASP A 157 4.06 -4.55 -3.18
C ASP A 157 3.09 -5.44 -2.42
N PHE A 158 2.66 -6.50 -3.09
CA PHE A 158 1.76 -7.50 -2.54
C PHE A 158 2.53 -8.71 -1.94
N GLY A 159 3.83 -8.52 -1.74
CA GLY A 159 4.72 -9.55 -1.22
C GLY A 159 4.48 -10.03 0.21
N SER A 160 3.70 -9.27 0.99
CA SER A 160 3.34 -9.60 2.37
C SER A 160 1.83 -9.94 2.48
N GLY A 161 1.14 -9.89 1.36
CA GLY A 161 -0.30 -10.09 1.28
C GLY A 161 -0.82 -11.49 1.43
N ALA A 162 -2.13 -11.63 1.46
CA ALA A 162 -2.78 -12.94 1.58
C ALA A 162 -4.12 -12.87 0.91
N LEU A 163 -4.74 -14.03 0.68
CA LEU A 163 -6.10 -14.08 0.20
C LEU A 163 -6.93 -13.54 1.37
N LEU A 164 -7.95 -12.74 1.08
CA LEU A 164 -8.82 -12.22 2.12
C LEU A 164 -9.72 -13.36 2.65
N LYS A 165 -9.83 -13.45 3.98
CA LYS A 165 -10.66 -14.45 4.67
C LYS A 165 -11.37 -13.77 5.83
N ASP A 166 -12.46 -14.37 6.34
CA ASP A 166 -13.23 -13.79 7.44
C ASP A 166 -12.82 -14.33 8.81
N THR A 167 -11.94 -15.33 8.82
CA THR A 167 -11.39 -15.95 10.02
C THR A 167 -10.09 -15.23 10.44
N VAL A 168 -9.54 -15.57 11.62
CA VAL A 168 -8.36 -14.98 12.23
C VAL A 168 -7.09 -15.30 11.45
N TYR A 169 -6.18 -14.30 11.35
CA TYR A 169 -4.83 -14.48 10.79
C TYR A 169 -3.89 -14.60 11.99
N THR A 170 -2.95 -15.56 11.94
CA THR A 170 -2.01 -15.82 13.03
C THR A 170 -0.57 -15.69 12.56
N ASP A 171 -0.41 -15.22 11.31
CA ASP A 171 0.87 -14.97 10.67
C ASP A 171 0.85 -13.52 10.16
N PHE A 172 2.04 -12.87 10.15
CA PHE A 172 2.22 -11.51 9.67
C PHE A 172 3.69 -11.24 9.36
N ASP A 173 3.96 -10.63 8.21
CA ASP A 173 5.32 -10.26 7.81
C ASP A 173 5.33 -8.89 7.09
N GLY A 174 4.46 -8.01 7.56
CA GLY A 174 4.40 -6.64 7.07
C GLY A 174 5.22 -5.76 7.99
N THR A 175 4.94 -4.45 8.03
CA THR A 175 5.67 -3.48 8.84
C THR A 175 5.13 -3.42 10.26
N ARG A 176 5.98 -3.71 11.27
CA ARG A 176 5.57 -3.77 12.67
C ARG A 176 4.90 -2.47 13.20
N VAL A 177 5.46 -1.29 12.87
CA VAL A 177 4.98 0.00 13.36
C VAL A 177 3.61 0.37 12.80
N TYR A 178 3.15 -0.35 11.73
CA TYR A 178 1.83 -0.18 11.12
C TYR A 178 0.88 -1.32 11.55
N SER A 179 1.40 -2.30 12.31
CA SER A 179 0.65 -3.48 12.81
C SER A 179 -0.20 -3.16 14.05
N PRO A 180 -1.39 -3.81 14.16
CA PRO A 180 -2.30 -3.44 15.24
C PRO A 180 -1.93 -4.01 16.62
N PRO A 181 -2.53 -3.47 17.70
CA PRO A 181 -2.18 -3.96 19.05
C PRO A 181 -2.52 -5.41 19.30
N GLU A 182 -3.58 -5.94 18.64
CA GLU A 182 -4.00 -7.34 18.75
C GLU A 182 -2.95 -8.29 18.16
N TRP A 183 -2.21 -7.85 17.12
CA TRP A 183 -1.12 -8.63 16.57
C TRP A 183 0.07 -8.59 17.58
N ILE A 184 0.44 -7.38 18.05
CA ILE A 184 1.53 -7.19 19.02
C ILE A 184 1.32 -8.05 20.28
N ARG A 185 0.14 -7.92 20.92
CA ARG A 185 -0.20 -8.62 22.16
C ARG A 185 -0.51 -10.10 22.00
N TYR A 186 -1.39 -10.47 21.03
CA TYR A 186 -1.93 -11.82 20.90
C TYR A 186 -1.50 -12.64 19.69
N HIS A 187 -0.77 -12.04 18.74
CA HIS A 187 -0.34 -12.70 17.52
C HIS A 187 -1.57 -13.21 16.70
N ARG A 188 -2.67 -12.44 16.74
CA ARG A 188 -3.97 -12.69 16.10
C ARG A 188 -4.57 -11.37 15.61
N TYR A 189 -5.19 -11.38 14.42
CA TYR A 189 -5.89 -10.22 13.84
C TYR A 189 -6.87 -10.67 12.75
N HIS A 190 -7.87 -9.83 12.46
CA HIS A 190 -8.81 -10.05 11.38
C HIS A 190 -8.42 -9.04 10.31
N GLY A 191 -8.49 -9.45 9.07
CA GLY A 191 -8.05 -8.66 7.93
C GLY A 191 -8.47 -7.21 7.83
N ARG A 192 -9.78 -6.96 7.77
CA ARG A 192 -10.37 -5.63 7.59
C ARG A 192 -10.06 -4.68 8.70
N SER A 193 -10.25 -5.09 9.95
CA SER A 193 -9.97 -4.23 11.10
C SER A 193 -8.46 -3.91 11.25
N ALA A 194 -7.56 -4.85 10.88
CA ALA A 194 -6.12 -4.62 10.91
C ALA A 194 -5.77 -3.63 9.80
N ALA A 195 -6.45 -3.74 8.63
CA ALA A 195 -6.24 -2.81 7.52
C ALA A 195 -6.62 -1.40 7.94
N VAL A 196 -7.74 -1.22 8.68
CA VAL A 196 -8.22 0.09 9.18
C VAL A 196 -7.20 0.68 10.16
N TRP A 197 -6.62 -0.13 11.08
CA TRP A 197 -5.55 0.33 11.97
C TRP A 197 -4.41 0.95 11.14
N SER A 198 -3.89 0.21 10.15
CA SER A 198 -2.79 0.68 9.30
C SER A 198 -3.15 1.97 8.56
N LEU A 199 -4.42 2.14 8.18
CA LEU A 199 -4.93 3.34 7.53
C LEU A 199 -4.91 4.54 8.47
N GLY A 200 -5.18 4.29 9.76
CA GLY A 200 -5.07 5.29 10.82
C GLY A 200 -3.62 5.75 11.00
N ILE A 201 -2.65 4.81 10.97
CA ILE A 201 -1.21 5.14 11.05
C ILE A 201 -0.81 5.99 9.82
N LEU A 202 -1.25 5.54 8.62
CA LEU A 202 -0.97 6.24 7.37
C LEU A 202 -1.52 7.67 7.38
N LEU A 203 -2.76 7.87 7.81
CA LEU A 203 -3.35 9.18 7.85
C LEU A 203 -2.63 10.10 8.83
N TYR A 204 -2.31 9.60 10.04
CA TYR A 204 -1.52 10.35 11.02
C TYR A 204 -0.19 10.77 10.35
N ASP A 205 0.48 9.82 9.66
CA ASP A 205 1.72 10.08 8.94
C ASP A 205 1.60 11.19 7.92
N MET A 206 0.49 11.23 7.16
CA MET A 206 0.27 12.27 6.15
C MET A 206 0.14 13.65 6.77
N VAL A 207 -0.68 13.78 7.81
CA VAL A 207 -0.98 15.09 8.40
C VAL A 207 0.05 15.55 9.48
N CYS A 208 0.90 14.64 10.02
CA CYS A 208 1.92 15.00 11.01
C CYS A 208 3.35 14.92 10.50
N GLY A 209 3.55 14.26 9.36
CA GLY A 209 4.87 14.09 8.77
C GLY A 209 5.69 12.94 9.32
N ASP A 210 5.13 12.17 10.28
CA ASP A 210 5.78 11.04 10.92
C ASP A 210 4.72 10.10 11.50
N ILE A 211 5.09 8.84 11.78
CA ILE A 211 4.19 7.83 12.36
C ILE A 211 3.93 8.09 13.86
N PRO A 212 2.77 7.70 14.45
CA PRO A 212 2.52 8.07 15.86
C PRO A 212 3.22 7.21 16.91
N PHE A 213 3.55 5.96 16.57
CA PHE A 213 4.11 4.98 17.50
C PHE A 213 5.39 4.37 16.97
N GLU A 214 6.36 4.20 17.87
CA GLU A 214 7.65 3.63 17.53
C GLU A 214 7.78 2.26 18.20
N HIS A 215 7.50 2.17 19.50
CA HIS A 215 7.63 0.95 20.29
C HIS A 215 6.35 0.18 20.45
N ASP A 216 6.49 -1.13 20.74
CA ASP A 216 5.38 -2.06 20.98
C ASP A 216 4.48 -1.52 22.09
N GLU A 217 5.08 -0.98 23.14
CA GLU A 217 4.42 -0.40 24.31
C GLU A 217 3.49 0.76 23.90
N GLU A 218 3.93 1.60 22.93
CA GLU A 218 3.17 2.74 22.42
C GLU A 218 1.97 2.25 21.63
N ILE A 219 2.15 1.21 20.78
CA ILE A 219 1.07 0.60 20.00
C ILE A 219 -0.01 0.07 20.93
N ILE A 220 0.39 -0.70 21.98
CA ILE A 220 -0.51 -1.32 22.97
C ILE A 220 -1.30 -0.26 23.75
N ARG A 221 -0.66 0.85 24.15
CA ARG A 221 -1.31 1.94 24.88
C ARG A 221 -2.29 2.68 23.96
N GLY A 222 -1.89 2.89 22.70
CA GLY A 222 -2.66 3.56 21.66
C GLY A 222 -3.05 5.00 21.96
N GLN A 223 -2.26 5.73 22.76
CA GLN A 223 -2.55 7.12 23.09
C GLN A 223 -2.01 7.97 21.94
N VAL A 224 -2.90 8.67 21.24
CA VAL A 224 -2.51 9.48 20.07
C VAL A 224 -2.24 10.93 20.49
N PHE A 225 -0.98 11.39 20.31
CA PHE A 225 -0.58 12.77 20.57
C PHE A 225 -0.34 13.42 19.21
N PHE A 226 -0.92 14.62 18.98
CA PHE A 226 -0.71 15.35 17.73
C PHE A 226 0.36 16.38 17.93
N ARG A 227 1.47 16.21 17.21
CA ARG A 227 2.68 17.06 17.27
C ARG A 227 2.56 18.31 16.35
N GLN A 228 1.57 18.27 15.42
CA GLN A 228 1.27 19.29 14.45
C GLN A 228 -0.17 19.76 14.61
N ARG A 229 -0.48 20.98 14.09
CA ARG A 229 -1.85 21.50 14.04
C ARG A 229 -2.64 20.65 13.04
N VAL A 230 -3.63 19.92 13.57
CA VAL A 230 -4.51 19.01 12.82
C VAL A 230 -5.92 19.32 13.27
N SER A 231 -6.85 19.42 12.30
CA SER A 231 -8.26 19.74 12.57
C SER A 231 -8.90 18.71 13.48
N SER A 232 -9.93 19.12 14.22
CA SER A 232 -10.66 18.26 15.14
C SER A 232 -11.29 17.04 14.45
N GLU A 233 -11.87 17.23 13.23
CA GLU A 233 -12.50 16.18 12.46
C GLU A 233 -11.45 15.15 12.02
N CYS A 234 -10.27 15.63 11.57
CA CYS A 234 -9.19 14.73 11.17
C CYS A 234 -8.66 13.94 12.37
N GLN A 235 -8.46 14.60 13.53
CA GLN A 235 -8.01 13.93 14.75
C GLN A 235 -8.99 12.84 15.16
N HIS A 236 -10.30 13.14 15.08
CA HIS A 236 -11.41 12.23 15.41
C HIS A 236 -11.35 10.98 14.52
N LEU A 237 -11.19 11.17 13.20
CA LEU A 237 -11.07 10.05 12.24
C LEU A 237 -9.86 9.18 12.60
N ILE A 238 -8.69 9.80 12.81
CA ILE A 238 -7.45 9.09 13.17
C ILE A 238 -7.66 8.26 14.45
N ARG A 239 -8.18 8.90 15.52
CA ARG A 239 -8.43 8.24 16.81
C ARG A 239 -9.44 7.07 16.68
N TRP A 240 -10.39 7.20 15.76
CA TRP A 240 -11.38 6.16 15.46
C TRP A 240 -10.71 4.92 14.80
N CYS A 241 -9.90 5.14 13.72
CA CYS A 241 -9.15 4.08 13.01
C CYS A 241 -8.20 3.38 13.98
N LEU A 242 -7.65 4.14 14.94
CA LEU A 242 -6.69 3.67 15.92
C LEU A 242 -7.31 3.22 17.26
N ALA A 243 -8.62 2.85 17.26
CA ALA A 243 -9.31 2.28 18.42
C ALA A 243 -8.58 0.98 18.82
N LEU A 244 -8.30 0.82 20.13
CA LEU A 244 -7.60 -0.36 20.63
C LEU A 244 -8.35 -1.67 20.32
N ARG A 245 -9.69 -1.68 20.51
CA ARG A 245 -10.51 -2.85 20.22
C ARG A 245 -10.81 -2.87 18.73
N PRO A 246 -10.49 -3.98 18.01
CA PRO A 246 -10.80 -4.03 16.56
C PRO A 246 -12.27 -3.72 16.22
N SER A 247 -13.21 -4.17 17.05
CA SER A 247 -14.65 -3.95 16.87
C SER A 247 -15.09 -2.49 17.02
N ASP A 248 -14.26 -1.63 17.67
CA ASP A 248 -14.53 -0.19 17.83
C ASP A 248 -14.03 0.66 16.64
N ARG A 249 -13.33 0.02 15.69
CA ARG A 249 -12.78 0.70 14.52
C ARG A 249 -13.87 0.93 13.47
N PRO A 250 -13.79 1.99 12.65
CA PRO A 250 -14.83 2.20 11.64
C PRO A 250 -14.68 1.21 10.50
N THR A 251 -15.76 0.96 9.74
CA THR A 251 -15.72 0.17 8.52
C THR A 251 -15.21 1.13 7.44
N PHE A 252 -14.89 0.63 6.23
CA PHE A 252 -14.48 1.49 5.11
C PHE A 252 -15.58 2.49 4.76
N GLU A 253 -16.86 2.04 4.85
CA GLU A 253 -18.01 2.89 4.61
C GLU A 253 -18.07 4.03 5.62
N GLU A 254 -17.86 3.74 6.92
CA GLU A 254 -17.86 4.76 7.96
C GLU A 254 -16.71 5.75 7.80
N ILE A 255 -15.50 5.27 7.38
CA ILE A 255 -14.40 6.19 7.11
C ILE A 255 -14.80 7.13 5.95
N GLN A 256 -15.30 6.58 4.82
CA GLN A 256 -15.66 7.40 3.65
C GLN A 256 -16.87 8.31 3.87
N ASN A 257 -17.71 8.01 4.87
CA ASN A 257 -18.86 8.87 5.23
C ASN A 257 -18.49 9.87 6.36
N HIS A 258 -17.24 9.82 6.86
CA HIS A 258 -16.81 10.71 7.92
C HIS A 258 -16.84 12.20 7.47
N PRO A 259 -17.25 13.16 8.32
CA PRO A 259 -17.25 14.57 7.90
C PRO A 259 -15.92 15.08 7.33
N TRP A 260 -14.76 14.58 7.85
CA TRP A 260 -13.46 14.99 7.33
C TRP A 260 -13.24 14.57 5.87
N MET A 261 -13.91 13.48 5.43
CA MET A 261 -13.75 12.91 4.08
C MET A 261 -14.62 13.53 3.01
N GLN A 262 -15.44 14.53 3.38
CA GLN A 262 -16.34 15.15 2.41
C GLN A 262 -15.62 16.17 1.50
N ASP A 263 -16.13 16.32 0.25
CA ASP A 263 -15.67 17.24 -0.77
C ASP A 263 -14.21 17.00 -1.19
N VAL A 264 -13.88 15.74 -1.47
CA VAL A 264 -12.54 15.33 -1.91
C VAL A 264 -12.30 15.91 -3.31
N LEU A 265 -11.05 16.30 -3.60
CA LEU A 265 -10.69 16.82 -4.90
C LEU A 265 -10.55 15.63 -5.84
N LEU A 266 -10.72 15.87 -7.13
CA LEU A 266 -10.48 14.86 -8.17
C LEU A 266 -8.95 14.71 -8.26
N PRO A 267 -8.40 13.54 -8.70
CA PRO A 267 -6.93 13.42 -8.82
C PRO A 267 -6.28 14.51 -9.69
N GLN A 268 -6.90 14.87 -10.85
CA GLN A 268 -6.36 15.92 -11.71
C GLN A 268 -6.33 17.30 -11.01
N GLU A 269 -7.38 17.61 -10.22
CA GLU A 269 -7.43 18.84 -9.44
C GLU A 269 -6.29 18.83 -8.39
N THR A 270 -6.03 17.66 -7.77
CA THR A 270 -4.99 17.44 -6.79
C THR A 270 -3.61 17.72 -7.42
N ALA A 271 -3.36 17.22 -8.65
CA ALA A 271 -2.10 17.45 -9.35
C ALA A 271 -1.93 18.95 -9.68
N GLU A 272 -3.01 19.61 -10.15
CA GLU A 272 -2.99 21.03 -10.52
C GLU A 272 -2.66 21.97 -9.36
N ILE A 273 -3.26 21.72 -8.17
CA ILE A 273 -3.06 22.56 -6.99
C ILE A 273 -1.78 22.22 -6.22
N HIS A 274 -1.49 20.91 -6.02
CA HIS A 274 -0.42 20.46 -5.13
C HIS A 274 0.80 19.82 -5.74
N LEU A 275 0.73 19.33 -6.98
CA LEU A 275 1.87 18.60 -7.54
C LEU A 275 2.56 19.29 -8.70
N HIS A 276 1.90 20.26 -9.38
CA HIS A 276 2.49 20.92 -10.56
C HIS A 276 3.26 22.15 -10.18
C1 EDO B . 3.11 20.28 2.26
O1 EDO B . 3.61 19.81 1.01
C2 EDO B . 1.60 20.62 2.11
O2 EDO B . 0.90 19.74 1.24
C1 EDO C . -13.87 -2.75 7.39
O1 EDO C . -13.81 -3.27 8.71
C2 EDO C . -15.21 -3.16 6.71
O2 EDO C . -15.33 -2.62 5.41
C1 EDO D . -7.44 17.48 21.04
O1 EDO D . -6.58 16.33 21.13
C2 EDO D . -8.84 17.06 20.54
O2 EDO D . -9.22 17.88 19.44
C1 EDO E . 15.56 -8.59 -16.60
O1 EDO E . 15.94 -8.37 -17.97
C2 EDO E . 16.74 -8.27 -15.65
O2 EDO E . 16.45 -7.15 -14.77
O2 MVG F . 4.96 -4.47 -6.56
C17 MVG F . 6.01 -3.93 -6.30
O1 MVG F . 6.75 -4.25 -5.28
C16 MVG F . 6.47 -2.74 -7.08
C15 MVG F . 7.58 -1.99 -6.67
C14 MVG F . 7.92 -0.83 -7.32
C18 MVG F . 5.74 -2.30 -8.17
C19 MVG F . 6.10 -1.13 -8.84
C13 MVG F . 7.18 -0.37 -8.42
C12 MVG F . 7.57 0.88 -9.12
N4 MVG F . 8.52 1.63 -8.52
C20 MVG F . 6.95 1.33 -10.29
N5 MVG F . 7.25 2.53 -10.82
C21 MVG F . 8.15 3.29 -10.20
C11 MVG F . 8.79 2.82 -9.04
N3 MVG F . 9.66 3.66 -8.27
C6 MVG F . 10.10 3.53 -6.97
C5 MVG F . 9.93 2.52 -6.04
N2 MVG F . 10.02 4.90 -8.80
C10 MVG F . 10.64 5.54 -7.81
C7 MVG F . 10.71 4.75 -6.64
C8 MVG F . 11.16 4.94 -5.32
C9 MVG F . 10.98 3.93 -4.37
C4 MVG F . 10.37 2.72 -4.73
N1 MVG F . 10.13 1.72 -3.79
C2 MVG F . 9.69 0.32 -4.03
C3 MVG F . 10.78 -0.46 -4.74
C1 MVG F . 9.29 -0.30 -2.71
S SO4 G . -16.71 -1.84 1.18
O1 SO4 G . -16.14 -2.95 1.96
O2 SO4 G . -16.51 -0.58 1.93
O3 SO4 G . -18.11 -2.10 1.02
O4 SO4 G . -16.11 -1.82 -0.16
S SO4 H . 5.01 -16.60 -18.32
O1 SO4 H . 5.77 -17.29 -17.28
O2 SO4 H . 5.92 -15.70 -19.06
O3 SO4 H . 4.45 -17.60 -19.22
O4 SO4 H . 3.88 -15.81 -17.78
#